data_7I2L
#
_entry.id   7I2L
#
_cell.length_a   82.382
_cell.length_b   116.317
_cell.length_c   147.312
_cell.angle_alpha   90.00
_cell.angle_beta   90.00
_cell.angle_gamma   90.00
#
_symmetry.space_group_name_H-M   'I 2 2 2'
#
loop_
_entity.id
_entity.type
_entity.pdbx_description
1 polymer 'NS5 RNA-dependent RNA polymerase'
2 non-polymer 'ZINC ION'
3 non-polymer '2-(N-MORPHOLINO)-ETHANESULFONIC ACID'
4 non-polymer 'DIMETHYL SULFOXIDE'
5 non-polymer 'PHOSPHATE ION'
6 non-polymer DI(HYDROXYETHYL)ETHER
7 non-polymer (3S)-3-(2-fluoro-3-methylphenoxy)-1-methylpyrrolidin-2-one
8 non-polymer 'CHLORIDE ION'
9 water water
#
_entity_poly.entity_id   1
_entity_poly.type   'polypeptide(L)'
_entity_poly.pdbx_seq_one_letter_code
;GPGIESETPNLDIIGKRIEKIKQEHETSWHYDQDHPYKTWAYHGSYETKQTGSASSMVNGVVRLLTKPWDIIPMVTQMAM
TDTTPFGQQRVFKEKVDTRTQEPKEGTKKLMKITAEWLWKELGKKKTPRMCTREEFTRKVRSNAALGAIFTDENKWKSAR
EAVEDSGFWELVDKERNLHLEGKCETCVYNMMGKREKKLGEFGKAKGSRAIWYMWLGARFLEFEALGFLNEDHWFSRENS
LSGVEGEGLHKLGYILRDVSKKEGGAMYADDTAGWDTRITLEDLKNEEMVTNHMEGEHKKLAEAIFKLTYQNKVVRVQRP
TPRGTVMDIISRRDQRGSGQVVTYGLNTFTNMEAQLIRQMEGEGVFKSIQHLTVTEEIAVKNWLVRVGRERLSRMAISGD
DCVVKPLDDRFASALTALNDMGKVRKDIQQWEPSRGWNDWTQVPFCSHHFHELIMKDGRVLVVPCRNQDELIGRARISQG
AGWSLRETACLGKSYAQMWSLMYFHRRDLRLAANAICSAVPSHWVPTSRTTWSIHATHEWMTTEDMLTVWNRVWIQENPW
MEDKTPVESWEEIPYLGKREDQWCGSLIGLTSRATWAKNIQTAINQVRSLIGNEEYTDYMPSMKRFRREEEEAGVLW
;
_entity_poly.pdbx_strand_id   A
#
loop_
_chem_comp.id
_chem_comp.type
_chem_comp.name
_chem_comp.formula
A1B0O non-polymer (3S)-3-(2-fluoro-3-methylphenoxy)-1-methylpyrrolidin-2-one 'C12 H14 F N O2'
CL non-polymer 'CHLORIDE ION' 'Cl -1'
DMS non-polymer 'DIMETHYL SULFOXIDE' 'C2 H6 O S'
MES non-polymer '2-(N-MORPHOLINO)-ETHANESULFONIC ACID' 'C6 H13 N O4 S'
PEG non-polymer DI(HYDROXYETHYL)ETHER 'C4 H10 O3'
PO4 non-polymer 'PHOSPHATE ION' 'O4 P -3'
ZN non-polymer 'ZINC ION' 'Zn 2'
#
# COMPACT_ATOMS: atom_id res chain seq x y z
N ASN A 10 10.77 30.48 -0.25
CA ASN A 10 10.34 30.07 -1.62
C ASN A 10 11.58 29.81 -2.49
N LEU A 11 11.72 30.56 -3.59
CA LEU A 11 12.82 30.42 -4.58
C LEU A 11 14.17 30.37 -3.84
N ASP A 12 14.20 30.84 -2.59
CA ASP A 12 15.40 30.84 -1.71
C ASP A 12 15.76 29.39 -1.36
N ILE A 13 14.79 28.48 -1.43
CA ILE A 13 14.93 27.05 -1.04
C ILE A 13 14.96 26.16 -2.30
N ILE A 14 14.32 26.61 -3.38
CA ILE A 14 14.14 25.82 -4.64
C ILE A 14 15.06 26.37 -5.73
N GLY A 15 15.46 27.64 -5.61
CA GLY A 15 16.31 28.34 -6.60
C GLY A 15 17.42 27.45 -7.12
N LYS A 16 18.45 27.22 -6.31
CA LYS A 16 19.64 26.43 -6.74
C LYS A 16 19.22 25.26 -7.62
N ARG A 17 18.25 24.47 -7.17
CA ARG A 17 17.82 23.28 -7.94
C ARG A 17 17.36 23.77 -9.32
N ILE A 18 16.56 24.84 -9.35
CA ILE A 18 16.08 25.41 -10.65
C ILE A 18 17.30 25.90 -11.44
N GLU A 19 18.20 26.63 -10.78
CA GLU A 19 19.39 27.19 -11.47
C GLU A 19 20.21 26.05 -12.09
N LYS A 20 20.44 24.98 -11.32
CA LYS A 20 21.29 23.86 -11.82
C LYS A 20 20.67 23.30 -13.09
N ILE A 21 19.37 23.03 -13.07
CA ILE A 21 18.70 22.40 -14.25
C ILE A 21 18.83 23.33 -15.47
N LYS A 22 18.57 24.62 -15.27
CA LYS A 22 18.62 25.58 -16.40
C LYS A 22 20.00 25.50 -17.04
N GLN A 23 21.05 25.47 -16.22
CA GLN A 23 22.43 25.46 -16.75
C GLN A 23 22.63 24.22 -17.63
N GLU A 24 22.21 23.04 -17.14
CA GLU A 24 22.44 21.79 -17.91
C GLU A 24 21.65 21.85 -19.22
N HIS A 25 20.71 22.79 -19.32
CA HIS A 25 19.90 22.94 -20.56
C HIS A 25 19.85 24.42 -20.95
N GLU A 26 21.02 25.06 -21.10
CA GLU A 26 21.07 26.51 -21.40
C GLU A 26 20.74 26.78 -22.86
N THR A 27 20.70 25.73 -23.70
CA THR A 27 20.48 25.93 -25.15
C THR A 27 19.08 25.44 -25.53
N SER A 28 18.16 25.35 -24.57
CA SER A 28 16.76 24.94 -24.88
C SER A 28 15.78 25.55 -23.87
N TRP A 29 16.22 26.54 -23.09
CA TRP A 29 15.34 27.09 -22.02
C TRP A 29 14.29 28.04 -22.60
N HIS A 30 13.12 28.14 -21.95
CA HIS A 30 12.06 29.06 -22.42
C HIS A 30 10.98 29.21 -21.34
N TYR A 31 10.49 30.42 -21.12
CA TYR A 31 9.40 30.64 -20.14
C TYR A 31 8.05 30.64 -20.86
N ASP A 32 7.64 29.47 -21.37
CA ASP A 32 6.37 29.38 -22.13
C ASP A 32 5.26 30.08 -21.31
N GLN A 33 4.50 30.96 -21.94
CA GLN A 33 3.44 31.71 -21.21
C GLN A 33 2.09 31.05 -21.47
N ASP A 34 2.10 29.85 -22.07
CA ASP A 34 0.83 29.09 -22.28
C ASP A 34 0.85 27.84 -21.41
N HIS A 35 1.73 27.80 -20.39
CA HIS A 35 1.86 26.61 -19.51
C HIS A 35 0.50 26.26 -18.91
N PRO A 36 0.14 24.97 -18.76
CA PRO A 36 -1.17 24.57 -18.27
C PRO A 36 -1.21 24.42 -16.75
N TYR A 37 -0.65 25.38 -16.01
CA TYR A 37 -0.56 25.21 -14.53
C TYR A 37 -1.25 26.39 -13.83
N LYS A 38 -2.09 26.08 -12.83
CA LYS A 38 -2.74 27.16 -12.03
C LYS A 38 -2.38 26.97 -10.56
N THR A 39 -2.30 25.72 -10.09
CA THR A 39 -2.03 25.35 -8.67
C THR A 39 -0.53 25.05 -8.48
N TRP A 40 0.13 24.61 -9.55
CA TRP A 40 1.60 24.38 -9.60
C TRP A 40 2.30 25.61 -10.21
N ALA A 41 3.48 25.94 -9.72
CA ALA A 41 4.20 27.16 -10.17
C ALA A 41 5.18 26.82 -11.30
N TYR A 42 4.91 27.32 -12.51
CA TYR A 42 5.81 27.06 -13.67
C TYR A 42 7.07 27.91 -13.52
N HIS A 43 8.23 27.31 -13.79
CA HIS A 43 9.50 28.06 -13.67
C HIS A 43 10.19 28.13 -15.04
N GLY A 44 9.92 27.15 -15.92
CA GLY A 44 10.53 27.13 -17.25
C GLY A 44 10.45 25.76 -17.91
N SER A 45 11.12 25.59 -19.05
CA SER A 45 11.08 24.31 -19.80
C SER A 45 12.37 24.16 -20.63
N TYR A 46 12.57 22.96 -21.18
CA TYR A 46 13.76 22.68 -22.02
C TYR A 46 13.41 21.50 -22.94
N GLU A 47 14.17 21.31 -24.03
CA GLU A 47 13.83 20.26 -25.02
C GLU A 47 13.95 18.86 -24.39
N THR A 48 12.96 18.00 -24.63
CA THR A 48 13.00 16.60 -24.12
C THR A 48 12.38 15.69 -25.17
N LYS A 49 12.64 14.39 -25.10
CA LYS A 49 12.02 13.43 -26.07
C LYS A 49 12.13 12.00 -25.51
N GLN A 50 10.99 11.34 -25.30
CA GLN A 50 10.97 9.96 -24.76
C GLN A 50 9.52 9.56 -24.47
N THR A 51 9.32 8.48 -23.70
CA THR A 51 7.96 8.01 -23.34
C THR A 51 7.33 9.00 -22.36
N ALA A 54 5.75 2.55 -20.82
CA ALA A 54 5.71 1.15 -20.30
C ALA A 54 4.26 0.67 -20.16
N SER A 55 3.84 -0.27 -21.01
CA SER A 55 2.45 -0.84 -21.05
C SER A 55 2.47 -2.28 -20.52
N SER A 56 1.39 -2.67 -19.84
CA SER A 56 1.21 -3.99 -19.17
C SER A 56 1.13 -5.09 -20.23
N MET A 57 2.04 -6.07 -20.15
CA MET A 57 2.10 -7.25 -21.05
C MET A 57 1.34 -8.43 -20.42
N VAL A 58 0.89 -9.40 -21.21
CA VAL A 58 0.17 -10.59 -20.68
C VAL A 58 1.13 -11.73 -20.35
N ASN A 59 0.97 -12.32 -19.17
CA ASN A 59 1.66 -13.55 -18.74
C ASN A 59 1.01 -14.72 -19.46
N GLY A 60 1.68 -15.29 -20.46
CA GLY A 60 1.06 -16.36 -21.26
C GLY A 60 0.91 -17.66 -20.49
N VAL A 61 1.73 -17.87 -19.48
CA VAL A 61 1.67 -19.14 -18.71
C VAL A 61 0.32 -19.12 -17.97
N VAL A 62 0.01 -18.03 -17.27
CA VAL A 62 -1.28 -17.91 -16.51
C VAL A 62 -2.46 -17.93 -17.50
N ARG A 63 -2.37 -17.23 -18.63
CA ARG A 63 -3.49 -17.11 -19.57
C ARG A 63 -3.79 -18.47 -20.21
N LEU A 64 -2.79 -19.25 -20.59
CA LEU A 64 -3.06 -20.59 -21.18
C LEU A 64 -3.74 -21.50 -20.16
N LEU A 65 -3.57 -21.27 -18.86
CA LEU A 65 -4.13 -22.19 -17.82
C LEU A 65 -5.39 -21.59 -17.18
N THR A 66 -5.92 -20.50 -17.74
CA THR A 66 -7.18 -19.85 -17.31
C THR A 66 -8.01 -19.51 -18.55
N LYS A 67 -8.23 -20.48 -19.43
CA LYS A 67 -8.92 -20.29 -20.72
C LYS A 67 -10.37 -19.81 -20.58
N PRO A 68 -11.25 -20.36 -19.70
CA PRO A 68 -12.61 -19.83 -19.57
C PRO A 68 -12.68 -18.30 -19.47
N TRP A 69 -11.64 -17.71 -18.89
CA TRP A 69 -11.65 -16.25 -18.58
C TRP A 69 -11.29 -15.44 -19.84
N ASP A 70 -10.91 -16.10 -20.94
CA ASP A 70 -10.53 -15.43 -22.21
C ASP A 70 -11.74 -14.67 -22.78
N ILE A 71 -12.96 -14.96 -22.31
CA ILE A 71 -14.23 -14.38 -22.84
C ILE A 71 -14.95 -13.54 -21.76
N ILE A 72 -14.34 -13.29 -20.59
CA ILE A 72 -14.91 -12.44 -19.52
C ILE A 72 -14.27 -11.07 -19.63
N PRO A 73 -15.01 -10.03 -20.13
CA PRO A 73 -14.48 -8.67 -20.32
C PRO A 73 -13.82 -8.03 -19.09
N MET A 74 -14.40 -8.24 -17.92
CA MET A 74 -13.80 -7.80 -16.64
C MET A 74 -12.34 -8.27 -16.54
N VAL A 75 -12.05 -9.52 -16.94
CA VAL A 75 -10.65 -10.07 -16.94
C VAL A 75 -9.86 -9.48 -18.12
N THR A 76 -10.31 -9.64 -19.36
CA THR A 76 -9.54 -9.30 -20.58
C THR A 76 -9.30 -7.78 -20.67
N GLN A 77 -10.24 -6.99 -20.19
CA GLN A 77 -10.13 -5.50 -20.29
C GLN A 77 -9.04 -4.97 -19.35
N MET A 78 -8.71 -5.67 -18.25
CA MET A 78 -7.66 -5.23 -17.28
C MET A 78 -6.31 -5.14 -17.98
N ALA A 79 -6.05 -5.95 -19.02
CA ALA A 79 -4.71 -6.02 -19.65
C ALA A 79 -4.56 -4.98 -20.76
N MET A 80 -5.60 -4.22 -21.09
CA MET A 80 -5.54 -3.18 -22.16
C MET A 80 -5.18 -1.81 -21.54
N THR A 81 -4.78 -0.84 -22.36
CA THR A 81 -4.74 0.59 -21.98
C THR A 81 -3.96 1.42 -22.99
N GLU A 94 -5.65 17.35 -13.52
CA GLU A 94 -7.10 17.18 -13.19
C GLU A 94 -7.29 17.33 -11.68
N LYS A 95 -6.88 16.32 -10.90
CA LYS A 95 -6.89 16.33 -9.42
C LYS A 95 -5.52 16.79 -8.91
N VAL A 96 -4.48 16.63 -9.72
CA VAL A 96 -3.07 17.04 -9.39
C VAL A 96 -3.01 18.56 -9.30
N ASP A 97 -3.61 19.26 -10.28
CA ASP A 97 -3.61 20.75 -10.35
C ASP A 97 -4.88 21.26 -9.64
N THR A 98 -5.00 20.97 -8.35
CA THR A 98 -6.11 21.42 -7.46
C THR A 98 -5.52 22.15 -6.24
N ARG A 99 -6.33 22.93 -5.53
CA ARG A 99 -5.93 23.64 -4.28
C ARG A 99 -6.93 23.34 -3.16
N THR A 100 -6.41 22.93 -1.99
CA THR A 100 -7.20 22.71 -0.75
C THR A 100 -7.04 23.94 0.15
N GLN A 101 -8.14 24.39 0.78
CA GLN A 101 -8.15 25.63 1.61
C GLN A 101 -7.39 25.37 2.91
N GLU A 102 -6.76 26.42 3.45
CA GLU A 102 -6.16 26.45 4.81
C GLU A 102 -7.28 26.21 5.83
N PRO A 103 -7.22 25.14 6.64
CA PRO A 103 -8.23 24.87 7.64
C PRO A 103 -8.50 26.03 8.59
N LYS A 104 -9.63 26.02 9.28
CA LYS A 104 -9.95 26.98 10.38
C LYS A 104 -8.92 26.84 11.51
N GLU A 105 -8.94 27.75 12.49
CA GLU A 105 -7.95 27.82 13.59
C GLU A 105 -8.22 26.70 14.59
N GLY A 106 -9.50 26.38 14.83
CA GLY A 106 -9.89 25.32 15.79
C GLY A 106 -9.53 23.95 15.23
N THR A 107 -9.77 23.72 13.94
CA THR A 107 -9.24 22.55 13.19
C THR A 107 -7.72 22.44 13.40
N LYS A 108 -6.96 23.48 13.04
CA LYS A 108 -5.48 23.55 13.20
C LYS A 108 -5.06 23.23 14.65
N LYS A 109 -5.77 23.71 15.68
CA LYS A 109 -5.36 23.44 17.09
C LYS A 109 -5.58 21.95 17.41
N LEU A 110 -6.74 21.41 17.01
CA LEU A 110 -7.15 19.99 17.16
C LEU A 110 -6.07 19.10 16.54
N MET A 111 -5.61 19.45 15.36
CA MET A 111 -4.63 18.64 14.60
C MET A 111 -3.28 18.68 15.32
N LYS A 112 -2.82 19.88 15.72
CA LYS A 112 -1.49 20.08 16.34
C LYS A 112 -1.47 19.31 17.66
N ILE A 113 -2.52 19.39 18.46
CA ILE A 113 -2.57 18.75 19.80
C ILE A 113 -2.55 17.24 19.61
N THR A 114 -3.36 16.77 18.65
CA THR A 114 -3.54 15.31 18.39
C THR A 114 -2.21 14.73 17.87
N ALA A 115 -1.55 15.45 16.95
CA ALA A 115 -0.29 15.03 16.32
C ALA A 115 0.83 14.98 17.39
N GLU A 116 0.91 15.99 18.24
CA GLU A 116 1.90 15.94 19.35
C GLU A 116 1.69 14.67 20.17
N TRP A 117 0.46 14.40 20.61
CA TRP A 117 0.16 13.21 21.46
C TRP A 117 0.44 11.90 20.73
N LEU A 118 0.14 11.82 19.43
CA LEU A 118 0.30 10.56 18.66
C LEU A 118 1.78 10.24 18.50
N TRP A 119 2.59 11.23 18.14
CA TRP A 119 4.04 11.03 17.96
C TRP A 119 4.64 10.57 19.30
N LYS A 120 4.19 11.14 20.40
CA LYS A 120 4.70 10.74 21.74
C LYS A 120 4.30 9.29 22.03
N GLU A 121 3.07 8.91 21.70
CA GLU A 121 2.61 7.54 21.96
C GLU A 121 3.40 6.55 21.09
N LEU A 122 3.69 6.92 19.85
CA LEU A 122 4.39 6.00 18.92
C LEU A 122 5.85 5.84 19.32
N GLY A 123 6.41 6.83 20.00
CA GLY A 123 7.83 6.81 20.37
C GLY A 123 8.08 6.36 21.79
N LYS A 124 7.04 5.94 22.50
CA LYS A 124 7.19 5.48 23.91
C LYS A 124 8.03 4.20 23.95
N LYS A 125 7.84 3.32 22.98
CA LYS A 125 8.57 2.02 22.96
C LYS A 125 9.47 1.93 21.73
N LYS A 126 9.91 3.07 21.19
CA LYS A 126 10.72 3.11 19.95
C LYS A 126 11.71 4.27 20.03
N THR A 127 12.85 4.08 19.37
CA THR A 127 14.00 5.02 19.32
C THR A 127 14.18 5.46 17.89
N PRO A 128 13.90 6.72 17.54
CA PRO A 128 14.28 7.22 16.22
C PRO A 128 15.78 6.99 15.99
N ARG A 129 16.17 6.66 14.77
CA ARG A 129 17.60 6.41 14.48
C ARG A 129 17.81 6.51 12.98
N MET A 130 19.08 6.71 12.58
CA MET A 130 19.44 6.85 11.16
C MET A 130 19.53 5.46 10.55
N CYS A 131 19.07 5.34 9.31
CA CYS A 131 19.37 4.16 8.47
C CYS A 131 20.76 4.40 7.84
N THR A 132 21.44 3.33 7.44
CA THR A 132 22.86 3.33 7.01
C THR A 132 23.00 2.89 5.55
N ARG A 133 24.07 3.36 4.89
CA ARG A 133 24.35 2.96 3.48
C ARG A 133 24.33 1.43 3.37
N GLU A 134 24.85 0.75 4.38
CA GLU A 134 24.91 -0.73 4.34
C GLU A 134 23.49 -1.29 4.24
N GLU A 135 22.57 -0.79 5.06
CA GLU A 135 21.15 -1.21 4.98
C GLU A 135 20.63 -0.87 3.58
N PHE A 136 20.89 0.36 3.13
CA PHE A 136 20.39 0.81 1.82
C PHE A 136 20.95 -0.11 0.73
N THR A 137 22.25 -0.40 0.81
CA THR A 137 22.89 -1.24 -0.23
C THR A 137 22.23 -2.62 -0.28
N ARG A 138 22.00 -3.22 0.88
CA ARG A 138 21.46 -4.61 0.89
C ARG A 138 20.09 -4.61 0.22
N LYS A 139 19.29 -3.57 0.47
CA LYS A 139 17.95 -3.47 -0.16
C LYS A 139 18.13 -3.44 -1.67
N VAL A 140 19.08 -2.64 -2.16
CA VAL A 140 19.33 -2.51 -3.62
C VAL A 140 19.78 -3.87 -4.16
N ARG A 141 20.54 -4.63 -3.37
CA ARG A 141 21.06 -5.95 -3.82
C ARG A 141 19.96 -6.99 -3.67
N SER A 142 18.76 -6.57 -3.25
CA SER A 142 17.63 -7.52 -3.07
C SER A 142 16.37 -6.97 -3.74
N ASN A 143 16.49 -5.85 -4.45
CA ASN A 143 15.33 -5.24 -5.17
C ASN A 143 14.34 -4.64 -4.18
N ALA A 144 13.28 -3.98 -4.68
CA ALA A 144 12.28 -3.35 -3.80
C ALA A 144 11.19 -4.36 -3.43
N TRP A 156 25.54 4.82 -14.55
CA TRP A 156 25.40 3.71 -13.56
C TRP A 156 24.29 2.75 -14.00
N LYS A 157 23.36 3.22 -14.84
CA LYS A 157 22.24 2.36 -15.30
C LYS A 157 21.42 1.93 -14.09
N SER A 158 21.47 0.64 -13.74
CA SER A 158 20.78 0.15 -12.52
C SER A 158 21.43 0.77 -11.29
N ALA A 159 20.64 1.07 -10.26
CA ALA A 159 21.18 1.67 -9.01
C ALA A 159 22.12 0.67 -8.33
N ARG A 160 21.95 -0.62 -8.62
CA ARG A 160 22.79 -1.68 -7.99
C ARG A 160 24.26 -1.45 -8.36
N GLU A 161 24.52 -0.56 -9.31
CA GLU A 161 25.91 -0.30 -9.76
C GLU A 161 26.45 0.97 -9.11
N ALA A 162 25.58 1.95 -8.88
CA ALA A 162 26.01 3.24 -8.29
C ALA A 162 26.53 3.03 -6.86
N VAL A 163 25.99 2.04 -6.16
CA VAL A 163 26.37 1.81 -4.74
C VAL A 163 27.89 1.59 -4.64
N GLU A 164 28.44 0.71 -5.48
CA GLU A 164 29.89 0.38 -5.39
C GLU A 164 30.73 1.62 -5.73
N ASP A 165 30.29 2.41 -6.71
CA ASP A 165 31.09 3.59 -7.13
C ASP A 165 31.09 4.60 -5.99
N SER A 166 32.24 4.73 -5.32
CA SER A 166 32.35 5.67 -4.17
C SER A 166 32.10 7.10 -4.67
N GLY A 167 32.27 7.33 -5.97
CA GLY A 167 31.99 8.67 -6.52
C GLY A 167 30.57 9.07 -6.18
N PHE A 168 29.63 8.13 -6.32
CA PHE A 168 28.22 8.41 -5.99
C PHE A 168 28.12 8.88 -4.54
N TRP A 169 28.74 8.14 -3.62
CA TRP A 169 28.64 8.48 -2.18
C TRP A 169 29.32 9.83 -1.93
N GLU A 170 30.35 10.15 -2.71
CA GLU A 170 30.99 11.49 -2.59
C GLU A 170 29.92 12.53 -2.90
N LEU A 171 29.12 12.28 -3.93
CA LEU A 171 28.03 13.21 -4.31
C LEU A 171 27.03 13.28 -3.16
N VAL A 172 26.70 12.12 -2.57
CA VAL A 172 25.73 12.07 -1.45
C VAL A 172 26.21 12.98 -0.32
N ASP A 173 27.48 12.83 0.07
CA ASP A 173 28.03 13.63 1.20
C ASP A 173 27.93 15.11 0.85
N LYS A 174 28.21 15.45 -0.40
CA LYS A 174 28.14 16.86 -0.87
C LYS A 174 26.75 17.39 -0.53
N GLU A 175 25.71 16.76 -1.07
CA GLU A 175 24.28 17.08 -0.81
C GLU A 175 24.01 17.01 0.70
N ARG A 176 24.52 15.96 1.35
CA ARG A 176 24.33 15.74 2.81
C ARG A 176 24.81 16.96 3.59
N ASN A 177 26.03 17.42 3.31
CA ASN A 177 26.63 18.62 3.97
C ASN A 177 25.89 19.86 3.45
N LEU A 178 25.31 19.78 2.25
CA LEU A 178 24.49 20.85 1.64
C LEU A 178 23.19 21.03 2.44
N HIS A 179 22.58 19.93 2.88
CA HIS A 179 21.36 19.93 3.75
C HIS A 179 21.71 20.52 5.12
N LEU A 180 22.73 19.97 5.78
CA LEU A 180 23.20 20.39 7.13
C LEU A 180 23.30 21.92 7.20
N GLU A 181 23.45 22.59 6.05
CA GLU A 181 23.49 24.07 5.95
C GLU A 181 22.06 24.58 5.71
N GLY A 182 21.14 23.67 5.42
CA GLY A 182 19.72 23.98 5.11
C GLY A 182 19.53 24.35 3.66
N LYS A 183 20.20 23.64 2.74
CA LYS A 183 20.12 23.87 1.27
C LYS A 183 20.18 22.54 0.52
N CYS A 184 19.64 22.51 -0.70
CA CYS A 184 19.50 21.32 -1.57
C CYS A 184 19.78 21.73 -3.03
N GLU A 185 20.17 20.80 -3.89
CA GLU A 185 20.54 21.10 -5.30
C GLU A 185 20.26 19.89 -6.21
N THR A 186 20.02 18.71 -5.63
CA THR A 186 19.94 17.42 -6.37
C THR A 186 18.69 16.64 -5.97
N CYS A 187 17.79 17.25 -5.20
CA CYS A 187 16.55 16.58 -4.68
C CYS A 187 15.32 17.12 -5.42
N VAL A 188 15.18 16.74 -6.70
CA VAL A 188 14.07 17.14 -7.61
C VAL A 188 13.36 15.86 -8.11
N TYR A 189 12.03 15.84 -8.03
CA TYR A 189 11.18 14.68 -8.41
C TYR A 189 10.93 14.71 -9.93
N ASN A 190 10.75 13.53 -10.53
CA ASN A 190 10.53 13.35 -11.98
C ASN A 190 9.21 12.61 -12.22
N MET A 191 8.15 13.35 -12.59
CA MET A 191 6.78 12.81 -12.82
C MET A 191 6.83 11.79 -13.97
N MET A 192 5.68 11.16 -14.26
CA MET A 192 5.55 10.09 -15.28
C MET A 192 4.31 9.24 -14.98
N ILE A 211 3.41 8.74 -9.50
CA ILE A 211 4.58 7.98 -8.94
C ILE A 211 5.86 8.72 -9.32
N TRP A 212 6.15 9.84 -8.65
CA TRP A 212 7.37 10.63 -8.96
C TRP A 212 8.61 9.82 -8.56
N TYR A 213 9.75 10.10 -9.19
CA TYR A 213 11.00 9.35 -8.89
C TYR A 213 12.11 10.36 -8.57
N MET A 214 13.22 9.87 -8.01
CA MET A 214 14.36 10.76 -7.65
C MET A 214 15.66 10.01 -7.86
N TRP A 215 16.78 10.72 -7.95
CA TRP A 215 18.09 10.02 -8.08
C TRP A 215 18.34 9.20 -6.81
N LEU A 216 19.01 8.06 -6.95
CA LEU A 216 19.22 7.15 -5.79
C LEU A 216 19.75 7.94 -4.59
N GLY A 217 20.62 8.92 -4.83
CA GLY A 217 21.22 9.66 -3.71
C GLY A 217 20.16 10.30 -2.84
N ALA A 218 19.21 10.99 -3.47
CA ALA A 218 18.13 11.66 -2.72
C ALA A 218 17.31 10.60 -1.97
N ARG A 219 17.11 9.44 -2.60
CA ARG A 219 16.35 8.35 -1.95
C ARG A 219 17.09 7.89 -0.70
N PHE A 220 18.42 7.80 -0.76
CA PHE A 220 19.22 7.39 0.43
C PHE A 220 19.05 8.43 1.54
N LEU A 221 19.17 9.71 1.20
CA LEU A 221 19.09 10.78 2.24
C LEU A 221 17.72 10.69 2.92
N GLU A 222 16.65 10.48 2.15
CA GLU A 222 15.30 10.33 2.72
C GLU A 222 15.28 9.07 3.59
N PHE A 223 15.93 8.00 3.15
CA PHE A 223 15.99 6.72 3.89
C PHE A 223 16.81 6.90 5.18
N GLU A 224 17.91 7.63 5.10
CA GLU A 224 18.78 7.85 6.28
C GLU A 224 18.01 8.61 7.35
N ALA A 225 17.16 9.55 6.93
CA ALA A 225 16.45 10.42 7.90
C ALA A 225 15.16 9.76 8.40
N LEU A 226 14.42 9.03 7.55
CA LEU A 226 13.00 8.67 7.81
C LEU A 226 12.75 7.16 7.67
N GLY A 227 13.69 6.41 7.11
CA GLY A 227 13.58 4.94 6.96
C GLY A 227 13.20 4.25 8.26
N PHE A 228 13.58 4.82 9.41
CA PHE A 228 13.33 4.11 10.69
C PHE A 228 11.83 3.82 10.82
N LEU A 229 10.96 4.69 10.27
CA LEU A 229 9.47 4.56 10.39
C LEU A 229 9.00 3.18 9.90
N ASN A 230 9.46 2.73 8.73
CA ASN A 230 9.02 1.42 8.19
C ASN A 230 9.94 0.31 8.73
N GLU A 231 11.26 0.52 8.71
CA GLU A 231 12.27 -0.54 9.07
C GLU A 231 12.12 -0.97 10.53
N ASP A 232 11.73 -0.07 11.45
CA ASP A 232 11.50 -0.40 12.88
C ASP A 232 10.00 -0.48 13.20
N HIS A 233 9.11 -0.50 12.21
CA HIS A 233 7.69 -0.93 12.39
C HIS A 233 6.93 -0.01 13.36
N TRP A 234 7.01 1.30 13.15
CA TRP A 234 6.34 2.33 13.99
C TRP A 234 4.82 2.19 13.89
N PHE A 235 4.31 1.68 12.77
CA PHE A 235 2.86 1.60 12.47
C PHE A 235 2.38 0.15 12.56
N SER A 236 3.17 -0.72 13.18
CA SER A 236 2.75 -2.08 13.61
C SER A 236 1.54 -1.93 14.55
N ARG A 237 0.67 -2.93 14.63
CA ARG A 237 -0.51 -2.87 15.52
C ARG A 237 -0.05 -2.80 16.98
N GLU A 238 0.97 -3.57 17.37
CA GLU A 238 1.51 -3.60 18.75
C GLU A 238 1.87 -2.19 19.20
N ASN A 239 2.53 -1.41 18.33
CA ASN A 239 3.11 -0.08 18.67
C ASN A 239 2.14 1.08 18.40
N SER A 240 1.21 0.94 17.45
CA SER A 240 0.32 2.03 16.97
C SER A 240 -1.14 1.79 17.40
N LEU A 241 -1.53 0.52 17.55
CA LEU A 241 -2.88 0.09 18.05
C LEU A 241 -3.93 0.16 16.93
N SER A 242 -3.79 1.13 16.01
CA SER A 242 -4.68 1.32 14.83
C SER A 242 -4.00 0.75 13.56
N GLY A 243 -2.67 0.75 13.54
CA GLY A 243 -1.89 0.36 12.35
C GLY A 243 -1.94 -1.14 12.12
N VAL A 244 -1.52 -1.56 10.91
CA VAL A 244 -1.41 -2.98 10.48
C VAL A 244 -0.13 -3.21 9.67
N GLU A 245 0.86 -2.30 9.75
CA GLU A 245 2.11 -2.43 8.94
C GLU A 245 2.71 -3.80 9.23
N GLY A 246 2.97 -4.58 8.20
CA GLY A 246 3.63 -5.89 8.32
C GLY A 246 2.74 -7.02 8.81
N GLU A 247 1.42 -6.79 8.94
CA GLU A 247 0.52 -7.71 9.69
C GLU A 247 0.09 -8.89 8.79
N GLY A 248 -0.05 -8.68 7.48
CA GLY A 248 -0.32 -9.77 6.51
C GLY A 248 -1.81 -9.96 6.26
N LEU A 249 -2.15 -10.40 5.04
N LEU A 249 -2.16 -10.31 5.00
CA LEU A 249 -3.54 -10.45 4.51
CA LEU A 249 -3.54 -10.50 4.46
C LEU A 249 -4.32 -11.60 5.14
C LEU A 249 -4.30 -11.52 5.30
N HIS A 250 -3.61 -12.60 5.68
CA HIS A 250 -4.17 -13.69 6.54
C HIS A 250 -4.42 -13.24 7.98
N LYS A 251 -4.08 -11.99 8.31
CA LYS A 251 -4.24 -11.39 9.67
C LYS A 251 -5.30 -10.28 9.66
N LEU A 252 -5.49 -9.58 8.54
CA LEU A 252 -6.45 -8.44 8.45
C LEU A 252 -7.89 -8.84 8.81
N GLY A 253 -8.35 -10.00 8.34
CA GLY A 253 -9.67 -10.52 8.70
C GLY A 253 -9.85 -10.67 10.21
N TYR A 254 -8.90 -11.30 10.87
CA TYR A 254 -8.93 -11.52 12.33
C TYR A 254 -8.95 -10.17 13.05
N ILE A 255 -8.13 -9.22 12.59
CA ILE A 255 -8.06 -7.85 13.18
C ILE A 255 -9.45 -7.21 13.10
N LEU A 256 -10.06 -7.13 11.91
CA LEU A 256 -11.40 -6.54 11.71
C LEU A 256 -12.40 -7.21 12.67
N ARG A 257 -12.33 -8.54 12.82
CA ARG A 257 -13.23 -9.31 13.72
C ARG A 257 -13.00 -8.89 15.18
N ASP A 258 -11.76 -8.64 15.59
CA ASP A 258 -11.45 -8.16 16.97
C ASP A 258 -12.05 -6.76 17.18
N VAL A 259 -11.85 -5.85 16.25
CA VAL A 259 -12.50 -4.52 16.31
C VAL A 259 -14.01 -4.72 16.47
N SER A 260 -14.62 -5.68 15.78
CA SER A 260 -16.10 -5.89 15.76
C SER A 260 -16.56 -6.23 17.18
N LYS A 261 -15.70 -6.87 17.97
CA LYS A 261 -16.00 -7.41 19.32
C LYS A 261 -16.18 -6.26 20.33
N LYS A 262 -15.69 -5.06 20.01
CA LYS A 262 -15.82 -3.85 20.85
C LYS A 262 -17.28 -3.40 20.89
N GLU A 263 -17.70 -2.81 22.00
CA GLU A 263 -19.04 -2.20 22.13
C GLU A 263 -19.04 -0.96 21.25
N GLY A 264 -20.09 -0.76 20.46
CA GLY A 264 -20.28 0.52 19.75
C GLY A 264 -21.32 0.43 18.66
N GLY A 265 -21.26 1.38 17.72
CA GLY A 265 -22.19 1.40 16.58
C GLY A 265 -21.67 0.59 15.40
N ALA A 266 -22.05 1.01 14.20
CA ALA A 266 -21.69 0.40 12.92
C ALA A 266 -20.18 0.51 12.72
N MET A 267 -19.64 -0.21 11.74
CA MET A 267 -18.25 -0.05 11.27
C MET A 267 -18.31 0.87 10.05
N TYR A 268 -17.52 1.93 10.06
CA TYR A 268 -17.42 2.94 9.00
C TYR A 268 -16.11 2.73 8.24
N ALA A 269 -16.18 2.83 6.92
CA ALA A 269 -15.06 2.59 6.01
C ALA A 269 -15.14 3.59 4.87
N ASP A 270 -15.01 4.88 5.19
CA ASP A 270 -15.11 5.93 4.17
C ASP A 270 -13.74 6.09 3.52
N ASP A 271 -13.67 5.87 2.20
CA ASP A 271 -12.49 6.16 1.35
C ASP A 271 -12.49 7.66 1.00
N THR A 272 -11.34 8.30 1.15
CA THR A 272 -11.11 9.74 0.81
C THR A 272 -10.89 9.86 -0.69
N ALA A 273 -11.38 10.93 -1.30
CA ALA A 273 -11.14 11.30 -2.71
C ALA A 273 -9.70 11.81 -2.88
N GLY A 274 -8.94 11.19 -3.79
CA GLY A 274 -7.54 11.53 -4.10
C GLY A 274 -6.77 12.00 -2.88
N TRP A 275 -6.68 11.15 -1.85
CA TRP A 275 -6.00 11.45 -0.57
C TRP A 275 -4.65 12.15 -0.82
N ASP A 276 -3.84 11.65 -1.75
CA ASP A 276 -2.47 12.16 -2.03
C ASP A 276 -2.54 13.66 -2.32
N THR A 277 -3.61 14.12 -2.98
CA THR A 277 -3.82 15.52 -3.43
C THR A 277 -4.39 16.40 -2.30
N ARG A 278 -4.94 15.80 -1.23
CA ARG A 278 -5.61 16.55 -0.13
C ARG A 278 -4.69 16.80 1.08
N ILE A 279 -3.41 16.44 1.03
CA ILE A 279 -2.47 16.67 2.16
C ILE A 279 -2.11 18.16 2.22
N THR A 280 -2.45 18.83 3.32
CA THR A 280 -2.28 20.30 3.49
C THR A 280 -0.87 20.57 4.02
N LEU A 281 -0.41 21.81 3.97
CA LEU A 281 0.91 22.17 4.57
C LEU A 281 0.79 21.96 6.09
N GLU A 282 -0.40 22.14 6.64
CA GLU A 282 -0.66 21.92 8.09
C GLU A 282 -0.37 20.45 8.47
N ASP A 283 -0.77 19.52 7.60
CA ASP A 283 -0.49 18.07 7.75
C ASP A 283 1.02 17.83 7.68
N LEU A 284 1.69 18.38 6.66
CA LEU A 284 3.17 18.24 6.48
C LEU A 284 3.96 18.78 7.72
N LYS A 285 3.50 19.89 8.29
CA LYS A 285 4.10 20.51 9.51
C LYS A 285 3.82 19.62 10.73
N ASN A 286 2.63 19.03 10.83
CA ASN A 286 2.27 18.09 11.93
C ASN A 286 3.10 16.80 11.80
N GLU A 287 3.38 16.35 10.58
CA GLU A 287 4.26 15.18 10.30
C GLU A 287 5.69 15.47 10.77
N GLU A 288 6.22 16.65 10.40
CA GLU A 288 7.58 17.14 10.74
C GLU A 288 7.84 17.04 12.25
N MET A 289 6.78 17.07 13.08
CA MET A 289 6.93 17.05 14.55
C MET A 289 7.58 15.73 15.02
N VAL A 290 7.71 14.70 14.17
CA VAL A 290 8.52 13.50 14.56
C VAL A 290 9.96 13.95 14.88
N THR A 291 10.48 15.03 14.28
CA THR A 291 11.88 15.51 14.55
C THR A 291 12.03 15.90 16.03
N ASN A 292 10.98 16.37 16.69
CA ASN A 292 11.02 16.71 18.13
C ASN A 292 11.45 15.51 18.97
N HIS A 293 11.44 14.28 18.42
CA HIS A 293 11.77 13.06 19.20
C HIS A 293 13.22 12.60 18.90
N MET A 294 13.92 13.37 18.09
CA MET A 294 15.23 13.05 17.47
C MET A 294 16.33 13.89 18.13
N GLU A 295 17.58 13.66 17.74
CA GLU A 295 18.76 14.35 18.32
C GLU A 295 19.89 14.40 17.29
N GLY A 296 20.87 15.25 17.58
CA GLY A 296 22.15 15.31 16.84
C GLY A 296 21.93 15.56 15.35
N GLU A 297 22.81 14.97 14.54
CA GLU A 297 22.80 14.97 13.06
C GLU A 297 21.40 14.58 12.57
N HIS A 298 20.88 13.44 13.06
CA HIS A 298 19.61 12.84 12.61
C HIS A 298 18.55 13.94 12.60
N LYS A 299 18.40 14.61 13.72
CA LYS A 299 17.37 15.64 13.91
C LYS A 299 17.48 16.70 12.80
N LYS A 300 18.70 17.11 12.45
CA LYS A 300 18.92 18.21 11.46
C LYS A 300 18.65 17.66 10.06
N LEU A 301 19.13 16.45 9.80
CA LEU A 301 18.96 15.75 8.50
C LEU A 301 17.45 15.55 8.20
N ALA A 302 16.67 15.03 9.16
CA ALA A 302 15.21 14.83 9.07
C ALA A 302 14.55 16.18 8.82
N GLU A 303 14.95 17.20 9.59
CA GLU A 303 14.40 18.58 9.46
C GLU A 303 14.54 19.05 8.03
N ALA A 304 15.69 18.81 7.42
CA ALA A 304 16.03 19.21 6.03
C ALA A 304 15.10 18.50 5.03
N ILE A 305 15.01 17.16 5.09
CA ILE A 305 14.09 16.40 4.21
C ILE A 305 12.69 17.04 4.30
N PHE A 306 12.17 17.29 5.51
CA PHE A 306 10.80 17.84 5.70
C PHE A 306 10.69 19.23 5.07
N LYS A 307 11.65 20.11 5.38
CA LYS A 307 11.72 21.52 4.91
C LYS A 307 11.92 21.67 3.40
N LEU A 308 12.81 20.87 2.81
CA LEU A 308 13.39 21.13 1.46
C LEU A 308 12.77 20.24 0.38
N THR A 309 12.39 19.00 0.71
CA THR A 309 11.93 17.98 -0.29
C THR A 309 10.43 17.73 -0.18
N TYR A 310 9.82 18.00 0.99
CA TYR A 310 8.39 17.71 1.29
C TYR A 310 7.59 19.02 1.29
N GLN A 311 7.97 19.96 2.14
CA GLN A 311 7.26 21.26 2.38
C GLN A 311 7.69 22.29 1.33
N ASN A 312 8.54 21.90 0.37
CA ASN A 312 9.01 22.74 -0.77
C ASN A 312 9.46 21.82 -1.91
N LYS A 313 8.55 21.40 -2.78
CA LYS A 313 8.81 20.39 -3.84
C LYS A 313 9.22 21.11 -5.14
N VAL A 314 10.18 20.53 -5.85
CA VAL A 314 10.55 20.88 -7.25
C VAL A 314 10.42 19.60 -8.07
N VAL A 315 9.67 19.65 -9.17
CA VAL A 315 9.34 18.46 -10.02
C VAL A 315 9.52 18.84 -11.49
N ARG A 316 10.07 17.91 -12.27
CA ARG A 316 10.15 17.99 -13.75
C ARG A 316 9.04 17.10 -14.33
N VAL A 317 8.27 17.64 -15.30
CA VAL A 317 7.13 16.95 -15.96
C VAL A 317 7.23 17.16 -17.48
N GLN A 318 7.02 16.11 -18.27
CA GLN A 318 6.98 16.18 -19.76
C GLN A 318 5.68 16.87 -20.20
N ARG A 319 5.72 17.57 -21.33
CA ARG A 319 4.54 18.27 -21.92
C ARG A 319 4.64 18.18 -23.45
N PRO A 320 3.81 17.31 -24.08
CA PRO A 320 3.87 17.11 -25.54
C PRO A 320 3.89 18.40 -26.35
N THR A 321 3.08 19.39 -25.96
CA THR A 321 2.95 20.71 -26.62
C THR A 321 4.30 21.12 -27.22
N THR A 325 7.47 18.58 -26.75
CA THR A 325 7.95 18.03 -25.46
C THR A 325 8.89 19.03 -24.77
N VAL A 326 8.34 19.91 -23.93
CA VAL A 326 9.11 20.85 -23.07
C VAL A 326 8.92 20.41 -21.61
N MET A 327 10.02 20.02 -20.95
CA MET A 327 10.03 19.65 -19.50
C MET A 327 9.78 20.92 -18.69
N ASP A 328 8.65 21.00 -17.99
CA ASP A 328 8.27 22.11 -17.08
C ASP A 328 9.00 21.91 -15.75
N ILE A 329 9.18 23.00 -14.99
CA ILE A 329 9.82 22.97 -13.64
C ILE A 329 8.90 23.71 -12.67
N ILE A 330 7.93 22.98 -12.12
CA ILE A 330 6.84 23.48 -11.22
C ILE A 330 7.31 23.34 -9.78
N SER A 331 6.68 24.09 -8.87
CA SER A 331 7.03 24.01 -7.43
C SER A 331 5.75 24.14 -6.61
N ARG A 332 5.50 23.17 -5.72
CA ARG A 332 4.33 23.28 -4.82
C ARG A 332 4.80 22.95 -3.40
N ARG A 333 4.21 23.59 -2.40
CA ARG A 333 4.62 23.35 -0.99
C ARG A 333 3.62 22.39 -0.33
N ASP A 334 2.59 21.96 -1.06
CA ASP A 334 1.54 21.11 -0.44
C ASP A 334 1.39 19.79 -1.20
N GLN A 335 0.53 18.90 -0.71
CA GLN A 335 0.29 17.57 -1.33
C GLN A 335 1.39 16.58 -0.92
N ARG A 336 1.21 15.30 -1.22
CA ARG A 336 2.18 14.26 -0.85
C ARG A 336 3.19 14.04 -1.98
N GLY A 337 4.47 14.29 -1.70
CA GLY A 337 5.53 14.08 -2.70
C GLY A 337 6.74 13.51 -2.01
N SER A 338 6.63 12.27 -1.53
CA SER A 338 7.75 11.62 -0.83
C SER A 338 7.96 10.22 -1.39
N GLY A 339 8.44 9.30 -0.56
CA GLY A 339 8.67 7.91 -1.00
C GLY A 339 7.39 7.09 -0.90
N GLN A 340 7.31 5.98 -1.63
CA GLN A 340 6.17 5.03 -1.58
C GLN A 340 6.08 4.43 -0.17
N VAL A 341 7.22 4.28 0.51
CA VAL A 341 7.27 3.65 1.87
C VAL A 341 7.12 4.75 2.96
N VAL A 342 7.79 5.90 2.82
CA VAL A 342 7.58 7.00 3.81
C VAL A 342 6.15 7.56 3.65
N THR A 343 5.66 7.66 2.41
CA THR A 343 4.28 8.09 2.10
C THR A 343 3.29 7.19 2.86
N TYR A 344 3.50 5.87 2.86
CA TYR A 344 2.60 4.90 3.55
C TYR A 344 2.48 5.26 5.03
N GLY A 345 3.63 5.50 5.67
CA GLY A 345 3.71 5.68 7.13
C GLY A 345 3.17 7.05 7.52
N LEU A 346 3.44 8.08 6.73
CA LEU A 346 2.94 9.45 7.01
C LEU A 346 1.44 9.52 6.68
N ASN A 347 0.98 8.84 5.62
CA ASN A 347 -0.47 8.63 5.38
C ASN A 347 -1.10 7.92 6.58
N THR A 348 -0.56 6.80 7.06
CA THR A 348 -1.13 6.11 8.24
C THR A 348 -1.22 7.10 9.41
N PHE A 349 -0.17 7.91 9.63
CA PHE A 349 -0.10 8.83 10.80
C PHE A 349 -1.20 9.89 10.69
N THR A 350 -1.32 10.55 9.54
CA THR A 350 -2.25 11.69 9.36
C THR A 350 -3.70 11.17 9.35
N ASN A 351 -3.93 9.97 8.80
CA ASN A 351 -5.25 9.29 8.81
C ASN A 351 -5.62 8.93 10.26
N MET A 352 -4.67 8.41 11.03
CA MET A 352 -4.90 8.09 12.45
C MET A 352 -5.38 9.38 13.16
N GLU A 353 -4.68 10.48 12.93
CA GLU A 353 -4.99 11.81 13.53
C GLU A 353 -6.40 12.26 13.09
N ALA A 354 -6.71 12.24 11.78
CA ALA A 354 -8.03 12.69 11.28
C ALA A 354 -9.16 11.85 11.94
N GLN A 355 -8.99 10.53 12.02
CA GLN A 355 -10.06 9.63 12.52
C GLN A 355 -10.25 9.80 14.03
N LEU A 356 -9.21 10.06 14.82
CA LEU A 356 -9.37 10.36 16.28
C LEU A 356 -10.20 11.65 16.42
N ILE A 357 -9.92 12.64 15.58
CA ILE A 357 -10.62 13.94 15.60
C ILE A 357 -12.07 13.73 15.15
N ARG A 358 -12.32 12.91 14.14
CA ARG A 358 -13.71 12.63 13.74
C ARG A 358 -14.40 11.95 14.92
N GLN A 359 -13.71 11.04 15.61
CA GLN A 359 -14.23 10.37 16.83
C GLN A 359 -14.50 11.45 17.90
N MET A 360 -13.62 12.44 18.11
CA MET A 360 -13.83 13.51 19.14
C MET A 360 -15.16 14.23 18.86
N GLU A 361 -15.40 14.57 17.60
CA GLU A 361 -16.57 15.31 17.11
C GLU A 361 -17.84 14.49 17.34
N GLY A 362 -17.87 13.20 17.00
CA GLY A 362 -19.02 12.34 17.33
C GLY A 362 -19.34 12.32 18.83
N GLU A 363 -18.32 12.39 19.69
CA GLU A 363 -18.49 12.19 21.14
C GLU A 363 -18.82 13.55 21.78
N GLY A 364 -18.84 14.62 20.99
CA GLY A 364 -19.11 15.98 21.46
C GLY A 364 -18.04 16.49 22.42
N VAL A 365 -16.76 16.27 22.08
CA VAL A 365 -15.56 16.75 22.86
C VAL A 365 -15.31 18.23 22.56
N PHE A 366 -15.59 18.65 21.32
CA PHE A 366 -15.53 20.06 20.86
C PHE A 366 -16.80 20.39 20.07
N LYS A 367 -17.26 21.65 20.14
CA LYS A 367 -18.59 22.07 19.65
C LYS A 367 -18.48 22.72 18.26
N SER A 368 -17.37 23.40 17.96
CA SER A 368 -17.14 24.11 16.68
C SER A 368 -15.66 24.14 16.34
N ILE A 369 -15.34 24.11 15.04
CA ILE A 369 -13.95 24.08 14.49
C ILE A 369 -13.49 25.52 14.23
N GLN A 370 -14.39 26.49 14.32
CA GLN A 370 -14.11 27.91 14.01
C GLN A 370 -13.04 28.42 14.96
N HIS A 371 -13.13 28.00 16.24
CA HIS A 371 -12.19 28.38 17.33
C HIS A 371 -12.31 27.37 18.46
N LEU A 372 -11.18 26.98 19.06
CA LEU A 372 -11.12 26.05 20.21
C LEU A 372 -10.95 26.87 21.50
N THR A 373 -11.90 26.75 22.42
CA THR A 373 -11.80 27.46 23.72
C THR A 373 -10.69 26.84 24.55
N VAL A 374 -10.17 27.57 25.54
CA VAL A 374 -9.10 27.02 26.42
C VAL A 374 -9.66 25.78 27.13
N THR A 375 -10.93 25.83 27.54
CA THR A 375 -11.56 24.69 28.25
C THR A 375 -11.63 23.49 27.30
N GLU A 376 -11.98 23.73 26.03
CA GLU A 376 -12.10 22.62 25.05
C GLU A 376 -10.73 22.00 24.83
N GLU A 377 -9.66 22.80 24.86
CA GLU A 377 -8.30 22.25 24.69
C GLU A 377 -8.02 21.25 25.82
N ILE A 378 -8.33 21.61 27.06
CA ILE A 378 -8.05 20.70 28.20
C ILE A 378 -8.91 19.44 28.00
N ALA A 379 -10.13 19.61 27.53
CA ALA A 379 -11.04 18.46 27.30
C ALA A 379 -10.43 17.53 26.24
N VAL A 380 -9.94 18.10 25.14
CA VAL A 380 -9.31 17.29 24.06
C VAL A 380 -8.10 16.56 24.64
N LYS A 381 -7.25 17.28 25.37
CA LYS A 381 -6.02 16.67 25.93
C LYS A 381 -6.42 15.57 26.93
N ASN A 382 -7.42 15.84 27.76
CA ASN A 382 -7.84 14.84 28.79
C ASN A 382 -8.45 13.63 28.10
N TRP A 383 -9.21 13.85 27.02
CA TRP A 383 -9.80 12.74 26.24
C TRP A 383 -8.69 11.84 25.72
N LEU A 384 -7.67 12.44 25.11
CA LEU A 384 -6.54 11.66 24.53
C LEU A 384 -5.83 10.89 25.64
N VAL A 385 -5.59 11.55 26.78
CA VAL A 385 -4.84 10.90 27.90
C VAL A 385 -5.70 9.80 28.52
N ARG A 386 -7.01 10.00 28.56
CA ARG A 386 -7.89 9.03 29.27
C ARG A 386 -8.36 7.89 28.35
N VAL A 387 -8.65 8.18 27.07
CA VAL A 387 -9.24 7.11 26.20
C VAL A 387 -8.54 7.05 24.83
N GLY A 388 -7.47 7.81 24.62
CA GLY A 388 -6.84 7.86 23.29
C GLY A 388 -6.43 6.48 22.79
N ARG A 389 -5.77 5.69 23.64
CA ARG A 389 -5.28 4.35 23.22
C ARG A 389 -6.47 3.43 22.92
N GLU A 390 -7.52 3.50 23.74
CA GLU A 390 -8.73 2.68 23.50
C GLU A 390 -9.35 3.09 22.17
N ARG A 391 -9.39 4.39 21.88
CA ARG A 391 -9.98 4.88 20.61
C ARG A 391 -9.13 4.47 19.39
N LEU A 392 -7.81 4.43 19.54
CA LEU A 392 -6.88 3.95 18.47
C LEU A 392 -7.14 2.46 18.21
N SER A 393 -7.40 1.68 19.27
CA SER A 393 -7.67 0.24 19.16
C SER A 393 -9.00 -0.08 18.44
N ARG A 394 -9.83 0.94 18.22
CA ARG A 394 -11.19 0.82 17.61
C ARG A 394 -11.08 0.94 16.09
N MET A 395 -9.89 1.25 15.60
CA MET A 395 -9.62 1.51 14.16
C MET A 395 -8.61 0.49 13.60
N ALA A 396 -8.67 0.26 12.29
CA ALA A 396 -7.67 -0.49 11.50
C ALA A 396 -7.33 0.36 10.27
N ILE A 397 -6.17 1.01 10.29
CA ILE A 397 -5.73 1.99 9.27
C ILE A 397 -4.51 1.43 8.52
N SER A 398 -4.51 1.61 7.20
CA SER A 398 -3.41 1.22 6.28
C SER A 398 -3.20 2.35 5.28
N GLY A 399 -2.33 3.32 5.59
CA GLY A 399 -2.16 4.50 4.73
C GLY A 399 -3.47 5.26 4.64
N ASP A 400 -3.97 5.51 3.43
CA ASP A 400 -5.17 6.33 3.23
C ASP A 400 -6.43 5.51 3.52
N ASP A 401 -6.30 4.24 3.91
CA ASP A 401 -7.46 3.34 4.04
C ASP A 401 -7.76 3.05 5.51
N CYS A 402 -9.03 3.14 5.93
CA CYS A 402 -9.48 2.99 7.33
C CYS A 402 -10.84 2.29 7.47
N VAL A 403 -10.96 1.60 8.59
CA VAL A 403 -12.19 1.03 9.20
C VAL A 403 -12.22 1.54 10.64
N VAL A 404 -13.33 2.16 11.07
CA VAL A 404 -13.51 2.71 12.44
C VAL A 404 -14.80 2.14 13.02
N LYS A 405 -14.72 1.55 14.21
CA LYS A 405 -15.90 1.19 15.02
C LYS A 405 -15.99 2.17 16.17
N PRO A 406 -16.69 3.31 15.99
CA PRO A 406 -16.73 4.36 17.00
C PRO A 406 -17.66 3.95 18.15
N LEU A 407 -17.63 4.75 19.21
CA LEU A 407 -18.48 4.53 20.42
C LEU A 407 -19.97 4.36 20.03
N ASP A 408 -20.46 5.12 19.03
CA ASP A 408 -21.89 5.04 18.59
C ASP A 408 -22.00 5.76 17.24
N ASP A 409 -23.21 5.87 16.69
CA ASP A 409 -23.42 6.23 15.27
C ASP A 409 -23.52 7.76 15.09
N ARG A 410 -23.24 8.55 16.12
CA ARG A 410 -23.12 10.03 15.99
C ARG A 410 -21.95 10.35 15.05
N PHE A 411 -20.97 9.45 14.98
CA PHE A 411 -19.77 9.53 14.11
C PHE A 411 -20.21 9.79 12.66
N ALA A 412 -21.28 9.10 12.23
CA ALA A 412 -21.80 9.08 10.84
C ALA A 412 -22.05 10.49 10.31
N SER A 413 -22.53 11.40 11.17
CA SER A 413 -22.94 12.79 10.80
C SER A 413 -21.91 13.81 11.27
N ALA A 414 -20.83 13.38 11.94
CA ALA A 414 -19.72 14.25 12.40
C ALA A 414 -18.74 14.47 11.24
N LEU A 415 -18.91 15.56 10.48
CA LEU A 415 -18.23 15.76 9.18
C LEU A 415 -17.52 17.11 9.10
N THR A 416 -17.74 18.02 10.07
CA THR A 416 -17.22 19.41 9.99
C THR A 416 -15.68 19.38 9.97
N ALA A 417 -15.06 18.71 10.93
CA ALA A 417 -13.57 18.64 11.04
C ALA A 417 -12.98 17.85 9.85
N LEU A 418 -13.59 16.71 9.51
CA LEU A 418 -13.09 15.85 8.40
C LEU A 418 -13.06 16.65 7.11
N ASN A 419 -14.16 17.36 6.81
CA ASN A 419 -14.34 18.15 5.56
C ASN A 419 -13.40 19.36 5.58
N ASP A 420 -13.35 20.10 6.69
CA ASP A 420 -12.45 21.28 6.88
C ASP A 420 -10.94 20.88 6.91
N MET A 421 -10.58 19.66 7.32
CA MET A 421 -9.18 19.17 7.21
C MET A 421 -8.85 18.88 5.74
N GLY A 422 -9.86 18.88 4.86
CA GLY A 422 -9.69 18.61 3.42
C GLY A 422 -9.88 17.16 3.06
N LYS A 423 -10.18 16.28 4.03
CA LYS A 423 -10.31 14.81 3.81
C LYS A 423 -11.73 14.46 3.37
N VAL A 424 -12.16 15.00 2.23
CA VAL A 424 -13.55 14.87 1.67
C VAL A 424 -13.75 13.43 1.20
N ARG A 425 -14.86 12.83 1.62
CA ARG A 425 -15.20 11.41 1.35
C ARG A 425 -15.50 11.25 -0.15
N LYS A 426 -15.13 10.10 -0.72
CA LYS A 426 -15.41 9.73 -2.13
C LYS A 426 -16.88 9.31 -2.28
N ASP A 427 -17.48 9.57 -3.45
CA ASP A 427 -18.82 9.06 -3.86
C ASP A 427 -19.81 9.16 -2.70
N ILE A 428 -19.98 10.38 -2.16
CA ILE A 428 -21.06 10.73 -1.19
C ILE A 428 -21.11 12.25 -1.09
N GLN A 429 -22.30 12.83 -0.84
CA GLN A 429 -22.52 14.28 -0.71
C GLN A 429 -21.85 14.78 0.57
N GLN A 430 -21.15 15.91 0.48
CA GLN A 430 -20.24 16.44 1.53
C GLN A 430 -20.89 16.35 2.91
N TRP A 431 -22.22 16.50 3.00
CA TRP A 431 -22.95 16.61 4.30
C TRP A 431 -23.95 15.46 4.47
N GLU A 432 -24.02 14.52 3.52
CA GLU A 432 -24.81 13.28 3.69
C GLU A 432 -24.06 12.41 4.71
N PRO A 433 -24.75 11.90 5.77
CA PRO A 433 -24.09 11.02 6.73
C PRO A 433 -23.57 9.72 6.13
N SER A 434 -22.48 9.21 6.69
CA SER A 434 -21.78 7.99 6.21
C SER A 434 -22.74 6.80 6.32
N ARG A 435 -22.70 5.91 5.33
CA ARG A 435 -23.38 4.58 5.33
C ARG A 435 -22.48 3.60 6.10
N GLY A 436 -22.85 3.25 7.33
CA GLY A 436 -22.08 2.27 8.14
C GLY A 436 -22.37 0.84 7.76
N TRP A 437 -21.60 -0.10 8.28
CA TRP A 437 -21.74 -1.56 8.02
C TRP A 437 -22.10 -2.24 9.33
N ASN A 438 -23.06 -3.15 9.28
CA ASN A 438 -23.63 -3.83 10.48
C ASN A 438 -22.93 -5.19 10.69
N ASP A 439 -22.19 -5.68 9.69
CA ASP A 439 -21.52 -7.02 9.72
C ASP A 439 -20.06 -6.86 9.27
N TRP A 440 -19.10 -7.25 10.11
CA TRP A 440 -17.65 -7.12 9.83
C TRP A 440 -17.27 -7.89 8.56
N THR A 441 -18.00 -8.91 8.17
CA THR A 441 -17.73 -9.72 6.95
C THR A 441 -18.15 -9.03 5.64
N GLN A 442 -18.74 -7.83 5.68
CA GLN A 442 -19.07 -7.05 4.46
C GLN A 442 -18.27 -5.73 4.41
N VAL A 443 -17.43 -5.47 5.42
CA VAL A 443 -16.57 -4.24 5.46
C VAL A 443 -15.45 -4.36 4.43
N PRO A 444 -15.29 -3.37 3.53
CA PRO A 444 -14.13 -3.32 2.65
C PRO A 444 -12.90 -2.80 3.39
N PHE A 445 -11.75 -3.44 3.19
CA PHE A 445 -10.43 -3.02 3.72
C PHE A 445 -9.32 -3.59 2.84
N CYS A 446 -8.40 -2.72 2.40
CA CYS A 446 -7.21 -3.07 1.56
C CYS A 446 -7.63 -3.91 0.35
N SER A 447 -8.73 -3.52 -0.30
CA SER A 447 -9.23 -4.11 -1.56
C SER A 447 -9.88 -5.48 -1.28
N HIS A 448 -10.16 -5.81 -0.02
CA HIS A 448 -10.72 -7.14 0.34
C HIS A 448 -11.96 -7.05 1.20
N HIS A 449 -12.68 -8.17 1.29
CA HIS A 449 -13.62 -8.49 2.39
C HIS A 449 -13.17 -9.81 3.00
N PHE A 450 -13.75 -10.18 4.12
CA PHE A 450 -13.32 -11.35 4.90
C PHE A 450 -14.52 -12.23 5.24
N HIS A 451 -14.30 -13.53 5.00
CA HIS A 451 -15.25 -14.61 5.25
C HIS A 451 -14.78 -15.33 6.52
N GLU A 452 -15.75 -15.67 7.38
CA GLU A 452 -15.58 -16.63 8.49
C GLU A 452 -15.85 -18.03 7.95
N LEU A 453 -14.91 -18.95 8.12
CA LEU A 453 -14.98 -20.26 7.45
C LEU A 453 -14.59 -21.33 8.45
N ILE A 454 -15.49 -22.29 8.65
CA ILE A 454 -15.38 -23.33 9.71
C ILE A 454 -14.82 -24.60 9.09
N MET A 455 -13.70 -25.07 9.63
CA MET A 455 -13.05 -26.33 9.20
C MET A 455 -13.85 -27.53 9.69
N LYS A 456 -13.78 -28.64 8.96
N LYS A 456 -13.78 -28.64 8.94
CA LYS A 456 -14.53 -29.89 9.28
CA LYS A 456 -14.43 -29.95 9.23
C LYS A 456 -14.20 -30.33 10.72
C LYS A 456 -14.21 -30.30 10.71
N ASP A 457 -13.08 -29.88 11.28
CA ASP A 457 -12.73 -30.15 12.72
C ASP A 457 -13.15 -29.00 13.66
N GLY A 458 -13.99 -28.06 13.22
CA GLY A 458 -14.59 -26.99 14.05
C GLY A 458 -13.67 -25.80 14.29
N ARG A 459 -12.40 -25.86 13.87
CA ARG A 459 -11.51 -24.68 14.01
C ARG A 459 -11.91 -23.62 12.99
N VAL A 460 -11.62 -22.36 13.29
CA VAL A 460 -12.21 -21.20 12.57
C VAL A 460 -11.13 -20.42 11.82
N LEU A 461 -11.28 -20.38 10.49
CA LEU A 461 -10.40 -19.57 9.61
C LEU A 461 -11.13 -18.27 9.29
N VAL A 462 -10.43 -17.14 9.32
CA VAL A 462 -10.94 -15.85 8.77
C VAL A 462 -10.09 -15.53 7.56
N VAL A 463 -10.69 -15.59 6.38
CA VAL A 463 -9.94 -15.64 5.08
C VAL A 463 -10.23 -14.39 4.26
N PRO A 464 -9.20 -13.88 3.55
CA PRO A 464 -9.39 -12.75 2.65
C PRO A 464 -10.05 -13.16 1.33
N CYS A 465 -10.72 -12.23 0.68
CA CYS A 465 -11.53 -12.51 -0.54
C CYS A 465 -11.69 -11.21 -1.32
N ARG A 466 -11.77 -11.32 -2.63
CA ARG A 466 -12.23 -10.23 -3.51
C ARG A 466 -12.77 -10.87 -4.78
N ASN A 467 -13.42 -10.06 -5.59
CA ASN A 467 -14.06 -10.50 -6.84
C ASN A 467 -12.98 -11.26 -7.65
N GLN A 468 -13.30 -12.47 -8.05
CA GLN A 468 -12.31 -13.42 -8.62
C GLN A 468 -11.86 -12.91 -9.99
N ASP A 469 -12.71 -12.14 -10.67
CA ASP A 469 -12.28 -11.51 -11.96
C ASP A 469 -11.04 -10.66 -11.70
N GLU A 470 -11.02 -9.90 -10.62
CA GLU A 470 -9.88 -9.02 -10.25
C GLU A 470 -8.62 -9.89 -10.04
N LEU A 471 -8.72 -11.04 -9.37
CA LEU A 471 -7.55 -11.87 -9.00
C LEU A 471 -6.95 -12.50 -10.28
N ILE A 472 -7.80 -13.07 -11.13
CA ILE A 472 -7.38 -13.72 -12.40
C ILE A 472 -6.83 -12.66 -13.36
N GLY A 473 -7.50 -11.50 -13.47
CA GLY A 473 -7.04 -10.37 -14.30
C GLY A 473 -5.65 -9.87 -13.88
N ARG A 474 -5.35 -9.81 -12.59
CA ARG A 474 -4.05 -9.27 -12.13
C ARG A 474 -2.95 -10.31 -12.43
N ALA A 475 -3.22 -11.60 -12.21
CA ALA A 475 -2.25 -12.70 -12.43
C ALA A 475 -1.87 -12.79 -13.91
N ARG A 476 -2.75 -12.32 -14.80
CA ARG A 476 -2.57 -12.42 -16.27
C ARG A 476 -1.67 -11.28 -16.77
N ILE A 477 -1.23 -10.41 -15.88
CA ILE A 477 -0.43 -9.23 -16.25
C ILE A 477 0.99 -9.30 -15.65
N SER A 478 1.98 -9.02 -16.50
N SER A 478 1.99 -9.06 -16.50
CA SER A 478 3.41 -8.89 -16.15
CA SER A 478 3.42 -8.89 -16.10
C SER A 478 3.85 -7.43 -16.39
C SER A 478 3.85 -7.45 -16.38
N GLN A 479 4.54 -6.81 -15.42
CA GLN A 479 5.06 -5.42 -15.54
C GLN A 479 6.42 -5.42 -16.25
N GLY A 480 6.62 -4.56 -17.24
CA GLY A 480 7.90 -4.40 -17.97
C GLY A 480 8.07 -5.42 -19.08
N ALA A 481 9.29 -5.49 -19.63
CA ALA A 481 9.62 -6.28 -20.85
C ALA A 481 11.02 -6.90 -20.72
N GLY A 482 11.36 -7.79 -21.65
CA GLY A 482 12.60 -8.59 -21.66
C GLY A 482 12.44 -9.85 -20.84
N TRP A 483 11.20 -10.30 -20.60
CA TRP A 483 10.93 -11.51 -19.79
C TRP A 483 11.23 -12.76 -20.64
N SER A 484 12.11 -13.61 -20.16
CA SER A 484 12.27 -14.97 -20.72
C SER A 484 11.01 -15.79 -20.43
N LEU A 485 10.85 -16.93 -21.09
CA LEU A 485 9.77 -17.92 -20.79
C LEU A 485 9.86 -18.38 -19.33
N ARG A 486 11.09 -18.59 -18.84
CA ARG A 486 11.36 -19.08 -17.46
C ARG A 486 10.93 -18.03 -16.42
N GLU A 487 11.30 -16.77 -16.62
CA GLU A 487 10.97 -15.66 -15.69
C GLU A 487 9.44 -15.46 -15.65
N THR A 488 8.77 -15.67 -16.79
CA THR A 488 7.30 -15.54 -16.93
C THR A 488 6.63 -16.71 -16.19
N ALA A 489 7.19 -17.92 -16.35
CA ALA A 489 6.71 -19.14 -15.67
C ALA A 489 6.80 -18.96 -14.14
N CYS A 490 7.89 -18.34 -13.65
CA CYS A 490 8.17 -18.19 -12.21
C CYS A 490 7.27 -17.10 -11.61
N LEU A 491 6.94 -16.06 -12.37
CA LEU A 491 5.91 -15.06 -11.94
C LEU A 491 4.51 -15.70 -11.87
N GLY A 492 4.14 -16.52 -12.85
CA GLY A 492 2.94 -17.36 -12.76
C GLY A 492 2.91 -18.18 -11.48
N LYS A 493 4.04 -18.80 -11.15
CA LYS A 493 4.19 -19.63 -9.94
C LYS A 493 3.98 -18.77 -8.69
N SER A 494 4.45 -17.52 -8.65
CA SER A 494 4.22 -16.64 -7.48
C SER A 494 2.71 -16.41 -7.27
N TYR A 495 1.97 -16.13 -8.34
CA TYR A 495 0.49 -15.98 -8.26
C TYR A 495 -0.16 -17.27 -7.74
N ALA A 496 0.20 -18.40 -8.33
CA ALA A 496 -0.38 -19.71 -7.97
C ALA A 496 -0.13 -19.99 -6.49
N GLN A 497 1.07 -19.72 -5.99
CA GLN A 497 1.40 -20.00 -4.56
C GLN A 497 0.62 -19.01 -3.68
N MET A 498 0.47 -17.75 -4.12
CA MET A 498 -0.30 -16.80 -3.32
C MET A 498 -1.74 -17.30 -3.25
N TRP A 499 -2.29 -17.77 -4.36
CA TRP A 499 -3.70 -18.20 -4.39
C TRP A 499 -3.89 -19.37 -3.42
N SER A 500 -2.98 -20.34 -3.43
N SER A 500 -2.98 -20.35 -3.42
CA SER A 500 -3.03 -21.55 -2.55
CA SER A 500 -3.05 -21.55 -2.54
C SER A 500 -2.95 -21.12 -1.07
C SER A 500 -2.94 -21.13 -1.07
N LEU A 501 -2.24 -20.03 -0.78
CA LEU A 501 -2.07 -19.55 0.61
C LEU A 501 -3.26 -18.74 1.10
N MET A 502 -3.77 -17.81 0.29
CA MET A 502 -4.71 -16.76 0.72
C MET A 502 -6.13 -17.08 0.21
N TYR A 503 -6.26 -17.66 -0.98
CA TYR A 503 -7.55 -17.82 -1.71
C TYR A 503 -7.87 -19.30 -1.93
N PHE A 504 -7.39 -20.17 -1.04
CA PHE A 504 -7.55 -21.66 -1.13
C PHE A 504 -9.02 -22.02 -1.16
N HIS A 505 -9.82 -21.13 -0.57
CA HIS A 505 -11.28 -21.32 -0.31
C HIS A 505 -12.12 -21.04 -1.58
N ARG A 506 -11.51 -20.56 -2.66
CA ARG A 506 -12.21 -20.34 -3.95
C ARG A 506 -11.88 -21.53 -4.84
N ARG A 507 -12.89 -22.25 -5.32
CA ARG A 507 -12.74 -23.54 -6.04
C ARG A 507 -11.90 -23.32 -7.29
N ASP A 508 -12.15 -22.25 -8.03
CA ASP A 508 -11.46 -22.04 -9.32
C ASP A 508 -9.97 -21.73 -9.08
N LEU A 509 -9.62 -21.04 -7.99
CA LEU A 509 -8.23 -20.58 -7.76
C LEU A 509 -7.43 -21.76 -7.19
N ARG A 510 -8.05 -22.65 -6.42
CA ARG A 510 -7.29 -23.81 -5.91
C ARG A 510 -6.95 -24.70 -7.11
N LEU A 511 -7.89 -24.86 -8.03
CA LEU A 511 -7.70 -25.71 -9.21
C LEU A 511 -6.67 -25.06 -10.13
N ALA A 512 -6.76 -23.75 -10.40
CA ALA A 512 -5.85 -23.08 -11.34
C ALA A 512 -4.43 -23.03 -10.72
N ALA A 513 -4.35 -22.85 -9.39
CA ALA A 513 -3.06 -22.80 -8.65
C ALA A 513 -2.35 -24.16 -8.78
N ASN A 514 -3.07 -25.25 -8.56
CA ASN A 514 -2.53 -26.63 -8.73
C ASN A 514 -2.08 -26.82 -10.17
N ALA A 515 -2.84 -26.36 -11.16
CA ALA A 515 -2.54 -26.52 -12.59
C ALA A 515 -1.25 -25.74 -12.91
N ILE A 516 -1.12 -24.50 -12.46
CA ILE A 516 0.09 -23.69 -12.76
C ILE A 516 1.30 -24.34 -12.07
N CYS A 517 1.18 -24.74 -10.80
CA CYS A 517 2.29 -25.40 -10.07
C CYS A 517 2.66 -26.75 -10.72
N SER A 518 1.71 -27.39 -11.41
CA SER A 518 1.94 -28.66 -12.15
C SER A 518 2.56 -28.37 -13.52
N ALA A 519 2.42 -27.15 -14.05
CA ALA A 519 2.85 -26.79 -15.42
C ALA A 519 4.24 -26.14 -15.42
N VAL A 520 4.67 -25.66 -14.26
CA VAL A 520 6.00 -25.03 -14.13
C VAL A 520 6.94 -26.02 -13.43
N PRO A 521 8.22 -26.14 -13.84
CA PRO A 521 9.16 -27.05 -13.20
C PRO A 521 9.05 -26.97 -11.68
N SER A 522 9.10 -28.11 -11.00
N SER A 522 9.10 -28.11 -11.00
CA SER A 522 8.94 -28.13 -9.51
CA SER A 522 8.94 -28.13 -9.51
C SER A 522 9.98 -27.28 -8.79
C SER A 522 9.98 -27.28 -8.79
N HIS A 523 11.24 -27.34 -9.22
CA HIS A 523 12.32 -26.60 -8.50
C HIS A 523 12.54 -25.17 -8.99
N TRP A 524 11.75 -24.69 -9.94
CA TRP A 524 11.89 -23.26 -10.37
C TRP A 524 11.40 -22.35 -9.25
N VAL A 525 12.12 -21.26 -8.99
CA VAL A 525 11.83 -20.39 -7.82
C VAL A 525 10.87 -19.29 -8.24
N PRO A 526 9.78 -19.05 -7.49
CA PRO A 526 8.91 -17.91 -7.74
C PRO A 526 9.64 -16.56 -7.63
N THR A 527 9.34 -15.64 -8.56
CA THR A 527 9.94 -14.29 -8.69
C THR A 527 8.83 -13.25 -8.81
N SER A 528 8.88 -12.19 -7.99
CA SER A 528 7.89 -11.09 -7.95
C SER A 528 8.12 -10.11 -9.10
N ALA A 536 3.23 -7.13 2.67
CA ALA A 536 3.53 -7.07 4.11
C ALA A 536 4.18 -8.38 4.57
N THR A 537 3.56 -9.52 4.23
CA THR A 537 4.09 -10.89 4.51
C THR A 537 3.81 -11.80 3.30
N HIS A 538 4.86 -12.08 2.52
N HIS A 538 4.86 -12.07 2.51
CA HIS A 538 4.79 -12.85 1.24
CA HIS A 538 4.82 -12.84 1.25
C HIS A 538 5.40 -14.24 1.45
C HIS A 538 5.41 -14.24 1.47
N GLU A 539 4.73 -15.07 2.28
CA GLU A 539 5.17 -16.45 2.60
C GLU A 539 5.02 -17.39 1.40
N TRP A 540 4.34 -16.98 0.33
CA TRP A 540 4.26 -17.77 -0.93
C TRP A 540 5.57 -17.68 -1.74
N MET A 541 6.48 -16.75 -1.41
CA MET A 541 7.75 -16.54 -2.16
C MET A 541 8.82 -17.49 -1.57
N THR A 542 8.72 -18.78 -1.93
CA THR A 542 9.49 -19.91 -1.36
C THR A 542 9.33 -21.13 -2.26
N THR A 543 10.24 -22.11 -2.13
CA THR A 543 10.20 -23.41 -2.85
C THR A 543 9.72 -24.53 -1.91
N GLU A 544 9.50 -24.21 -0.64
CA GLU A 544 8.93 -25.16 0.35
C GLU A 544 7.58 -25.68 -0.16
N ASP A 545 7.19 -26.85 0.31
CA ASP A 545 5.87 -27.48 0.01
C ASP A 545 4.75 -26.55 0.53
N MET A 546 3.66 -26.39 -0.24
CA MET A 546 2.68 -25.29 0.05
C MET A 546 1.76 -25.72 1.20
N LEU A 547 1.50 -27.03 1.33
CA LEU A 547 0.76 -27.56 2.50
C LEU A 547 1.54 -27.25 3.79
N THR A 548 2.88 -27.30 3.78
CA THR A 548 3.70 -27.01 4.98
C THR A 548 3.65 -25.52 5.33
N VAL A 549 3.82 -24.63 4.37
CA VAL A 549 3.60 -23.16 4.54
C VAL A 549 2.14 -22.88 4.95
N TRP A 550 1.15 -23.56 4.40
CA TRP A 550 -0.25 -23.34 4.85
C TRP A 550 -0.33 -23.60 6.36
N ASN A 551 0.23 -24.72 6.82
CA ASN A 551 0.15 -25.17 8.24
C ASN A 551 0.86 -24.15 9.12
N ARG A 552 1.99 -23.64 8.69
CA ARG A 552 2.76 -22.68 9.50
C ARG A 552 1.92 -21.39 9.65
N VAL A 553 1.29 -20.94 8.54
CA VAL A 553 0.68 -19.58 8.44
C VAL A 553 -0.67 -19.59 9.16
N TRP A 554 -1.50 -20.59 8.88
CA TRP A 554 -2.92 -20.65 9.31
C TRP A 554 -3.05 -21.36 10.65
N ILE A 555 -2.07 -22.18 11.05
CA ILE A 555 -2.22 -22.98 12.31
C ILE A 555 -1.17 -22.55 13.32
N GLN A 556 0.10 -22.82 13.02
CA GLN A 556 1.23 -22.79 13.98
C GLN A 556 1.44 -21.37 14.47
N GLU A 557 1.56 -20.42 13.55
CA GLU A 557 1.91 -19.02 13.83
C GLU A 557 0.66 -18.13 13.99
N ASN A 558 -0.55 -18.72 13.99
CA ASN A 558 -1.82 -17.95 13.96
C ASN A 558 -2.25 -17.75 15.40
N PRO A 559 -2.10 -16.55 15.99
CA PRO A 559 -2.44 -16.36 17.40
C PRO A 559 -3.93 -16.52 17.71
N TRP A 560 -4.81 -16.57 16.71
CA TRP A 560 -6.27 -16.70 16.93
C TRP A 560 -6.71 -18.16 16.97
N MET A 561 -5.81 -19.12 16.72
CA MET A 561 -6.05 -20.60 16.68
C MET A 561 -5.43 -21.25 17.93
N GLU A 562 -6.25 -21.81 18.82
CA GLU A 562 -5.79 -22.42 20.09
C GLU A 562 -5.24 -23.82 19.81
N ASP A 563 -5.97 -24.67 19.07
CA ASP A 563 -5.56 -26.06 18.77
C ASP A 563 -4.55 -26.04 17.62
N LYS A 564 -3.33 -26.56 17.83
CA LYS A 564 -2.20 -26.48 16.85
C LYS A 564 -2.05 -27.79 16.08
N THR A 565 -3.06 -28.65 16.06
CA THR A 565 -3.00 -29.93 15.30
C THR A 565 -2.74 -29.63 13.83
N PRO A 566 -1.64 -30.10 13.20
CA PRO A 566 -1.40 -29.78 11.80
C PRO A 566 -2.51 -30.39 10.93
N VAL A 567 -2.75 -29.78 9.78
CA VAL A 567 -3.60 -30.36 8.71
C VAL A 567 -2.69 -31.29 7.89
N GLU A 568 -3.17 -32.47 7.56
CA GLU A 568 -2.39 -33.57 6.95
C GLU A 568 -2.52 -33.55 5.42
N SER A 569 -3.66 -33.14 4.84
CA SER A 569 -3.89 -33.05 3.37
C SER A 569 -4.73 -31.81 3.01
N TRP A 570 -4.83 -31.51 1.72
CA TRP A 570 -5.57 -30.32 1.21
C TRP A 570 -7.09 -30.51 1.33
N GLU A 571 -7.59 -31.75 1.44
CA GLU A 571 -9.04 -32.04 1.58
C GLU A 571 -9.54 -31.59 2.97
N GLU A 572 -8.66 -31.42 3.96
CA GLU A 572 -9.03 -30.93 5.33
C GLU A 572 -9.12 -29.40 5.32
N ILE A 573 -8.71 -28.76 4.24
CA ILE A 573 -8.74 -27.27 4.05
C ILE A 573 -10.02 -26.91 3.32
N PRO A 574 -10.96 -26.18 3.98
CA PRO A 574 -12.31 -26.00 3.45
C PRO A 574 -12.43 -24.90 2.38
N TYR A 575 -13.54 -24.94 1.65
CA TYR A 575 -13.97 -23.91 0.67
C TYR A 575 -15.11 -23.06 1.28
N LEU A 576 -15.36 -21.89 0.70
CA LEU A 576 -16.62 -21.13 0.86
C LEU A 576 -17.79 -22.01 0.40
N GLY A 577 -19.02 -21.67 0.81
CA GLY A 577 -20.25 -22.20 0.22
C GLY A 577 -20.23 -22.01 -1.30
N LYS A 578 -20.84 -22.98 -2.01
CA LYS A 578 -20.95 -22.96 -3.49
C LYS A 578 -21.61 -21.65 -3.94
N ARG A 579 -22.64 -21.18 -3.23
CA ARG A 579 -23.36 -19.93 -3.60
C ARG A 579 -22.49 -18.73 -3.19
N GLU A 580 -21.78 -18.82 -2.05
CA GLU A 580 -20.76 -17.83 -1.63
C GLU A 580 -19.70 -17.70 -2.73
N ASP A 581 -19.23 -18.83 -3.25
CA ASP A 581 -18.17 -18.86 -4.29
C ASP A 581 -18.65 -18.10 -5.53
N GLN A 582 -19.88 -18.37 -5.96
CA GLN A 582 -20.49 -17.80 -7.19
C GLN A 582 -20.70 -16.29 -7.01
N TRP A 583 -21.25 -15.88 -5.86
CA TRP A 583 -21.41 -14.45 -5.49
C TRP A 583 -20.08 -13.70 -5.67
N CYS A 584 -18.96 -14.30 -5.25
CA CYS A 584 -17.62 -13.66 -5.32
C CYS A 584 -16.91 -14.00 -6.64
N GLY A 585 -17.66 -14.49 -7.61
CA GLY A 585 -17.29 -14.44 -9.04
C GLY A 585 -16.81 -15.75 -9.65
N SER A 586 -17.06 -16.87 -8.96
CA SER A 586 -16.70 -18.24 -9.43
C SER A 586 -17.49 -18.55 -10.71
N LEU A 587 -16.94 -19.41 -11.58
CA LEU A 587 -17.56 -19.91 -12.83
C LEU A 587 -18.07 -21.34 -12.63
N ILE A 588 -18.03 -21.87 -11.40
CA ILE A 588 -18.64 -23.20 -11.11
C ILE A 588 -20.08 -23.19 -11.65
N GLY A 589 -20.48 -24.25 -12.36
CA GLY A 589 -21.83 -24.37 -12.95
C GLY A 589 -21.93 -23.83 -14.37
N LEU A 590 -20.87 -23.22 -14.89
CA LEU A 590 -20.74 -22.94 -16.34
C LEU A 590 -20.12 -24.14 -17.07
N THR A 591 -20.57 -24.30 -18.30
CA THR A 591 -20.15 -25.35 -19.24
C THR A 591 -18.67 -25.16 -19.53
N SER A 592 -18.22 -23.95 -19.83
CA SER A 592 -16.79 -23.62 -20.13
C SER A 592 -15.88 -24.04 -18.95
N ARG A 593 -16.32 -23.82 -17.72
CA ARG A 593 -15.56 -24.13 -16.50
C ARG A 593 -15.48 -25.65 -16.34
N ALA A 594 -16.58 -26.38 -16.54
CA ALA A 594 -16.61 -27.86 -16.40
C ALA A 594 -15.65 -28.48 -17.42
N THR A 595 -15.59 -27.97 -18.65
CA THR A 595 -14.68 -28.47 -19.71
C THR A 595 -13.23 -28.22 -19.31
N TRP A 596 -12.95 -27.01 -18.85
CA TRP A 596 -11.62 -26.58 -18.36
C TRP A 596 -11.10 -27.57 -17.30
N ALA A 597 -11.89 -27.85 -16.27
CA ALA A 597 -11.55 -28.74 -15.13
C ALA A 597 -11.31 -30.18 -15.60
N LYS A 598 -12.29 -30.74 -16.29
CA LYS A 598 -12.28 -32.12 -16.82
C LYS A 598 -10.98 -32.32 -17.59
N ASN A 599 -10.60 -31.39 -18.46
CA ASN A 599 -9.49 -31.56 -19.43
C ASN A 599 -8.25 -30.81 -18.97
N ILE A 600 -8.12 -30.53 -17.69
CA ILE A 600 -7.03 -29.65 -17.17
C ILE A 600 -5.63 -30.24 -17.49
N GLN A 601 -5.50 -31.57 -17.49
N GLN A 601 -5.49 -31.58 -17.49
CA GLN A 601 -4.20 -32.27 -17.75
CA GLN A 601 -4.20 -32.28 -17.76
C GLN A 601 -3.69 -31.95 -19.18
C GLN A 601 -3.69 -31.95 -19.18
N THR A 602 -4.60 -31.67 -20.12
CA THR A 602 -4.22 -31.27 -21.51
C THR A 602 -3.66 -29.84 -21.55
N ALA A 603 -4.13 -28.95 -20.68
CA ALA A 603 -3.66 -27.55 -20.65
C ALA A 603 -2.31 -27.55 -19.99
N ILE A 604 -2.18 -28.28 -18.89
CA ILE A 604 -0.89 -28.49 -18.17
C ILE A 604 0.14 -28.97 -19.19
N ASN A 605 -0.19 -30.03 -19.94
CA ASN A 605 0.69 -30.64 -20.97
C ASN A 605 1.05 -29.59 -22.04
N GLN A 606 0.13 -28.75 -22.50
CA GLN A 606 0.44 -27.70 -23.52
C GLN A 606 1.55 -26.81 -22.97
N VAL A 607 1.43 -26.32 -21.74
CA VAL A 607 2.45 -25.41 -21.16
C VAL A 607 3.76 -26.21 -20.97
N ARG A 608 3.69 -27.46 -20.53
CA ARG A 608 4.91 -28.26 -20.28
C ARG A 608 5.66 -28.40 -21.62
N SER A 609 4.94 -28.66 -22.71
CA SER A 609 5.54 -28.81 -24.06
C SER A 609 6.23 -27.51 -24.49
N LEU A 610 5.74 -26.35 -24.08
CA LEU A 610 6.32 -25.05 -24.50
C LEU A 610 7.62 -24.77 -23.72
N ILE A 611 7.63 -25.07 -22.42
CA ILE A 611 8.81 -24.83 -21.55
C ILE A 611 9.89 -25.87 -21.91
N GLY A 612 9.51 -27.12 -22.14
CA GLY A 612 10.40 -28.22 -22.57
C GLY A 612 10.49 -29.37 -21.58
N ASN A 613 11.50 -30.23 -21.77
CA ASN A 613 11.74 -31.47 -20.98
C ASN A 613 12.44 -31.10 -19.67
N GLU A 614 11.66 -30.83 -18.64
CA GLU A 614 12.20 -30.43 -17.33
C GLU A 614 11.60 -31.35 -16.27
N GLU A 615 11.95 -31.17 -15.00
CA GLU A 615 11.36 -31.99 -13.91
C GLU A 615 10.05 -31.35 -13.47
N TYR A 616 8.93 -32.04 -13.71
CA TYR A 616 7.60 -31.50 -13.33
C TYR A 616 6.93 -32.42 -12.31
N THR A 617 6.09 -31.84 -11.44
CA THR A 617 5.34 -32.62 -10.42
C THR A 617 3.84 -32.46 -10.68
N ASP A 618 3.07 -33.54 -10.54
CA ASP A 618 1.60 -33.48 -10.73
C ASP A 618 0.92 -33.14 -9.39
N TYR A 619 0.37 -31.94 -9.28
CA TYR A 619 -0.32 -31.50 -8.04
C TYR A 619 -1.85 -31.71 -8.12
N MET A 620 -2.43 -32.12 -9.26
CA MET A 620 -3.92 -32.21 -9.38
C MET A 620 -4.51 -33.30 -8.45
N PRO A 621 -3.86 -34.47 -8.23
CA PRO A 621 -4.33 -35.44 -7.22
C PRO A 621 -4.48 -35.01 -5.76
N SER A 622 -4.02 -33.80 -5.41
CA SER A 622 -4.22 -33.14 -4.09
C SER A 622 -5.72 -32.92 -3.84
N MET A 623 -6.47 -32.55 -4.90
CA MET A 623 -7.94 -32.38 -4.87
C MET A 623 -8.61 -33.74 -5.07
N LYS A 624 -9.85 -33.90 -4.56
CA LYS A 624 -10.57 -35.19 -4.46
C LYS A 624 -10.87 -35.77 -5.85
N ARG A 625 -11.43 -34.95 -6.76
CA ARG A 625 -12.00 -35.41 -8.06
C ARG A 625 -10.91 -35.99 -8.96
N PHE A 626 -9.66 -35.49 -8.85
CA PHE A 626 -8.52 -35.84 -9.75
C PHE A 626 -7.79 -37.10 -9.25
N ARG A 627 -8.29 -37.74 -8.19
CA ARG A 627 -7.73 -39.01 -7.65
C ARG A 627 -8.34 -40.18 -8.42
N ARG A 628 -7.49 -41.11 -8.90
CA ARG A 628 -7.91 -42.28 -9.73
C ARG A 628 -8.33 -43.43 -8.80
ZN ZN B . -15.89 -13.19 -0.95
ZN ZN C . 18.76 17.88 -1.42
O1 MES D . 5.45 -19.03 -24.06
O1 MES D . 5.34 -18.34 -24.87
C2 MES D . 5.04 -19.00 -25.41
C2 MES D . 4.57 -19.06 -25.81
C3 MES D . 3.99 -17.95 -25.65
C3 MES D . 3.12 -18.63 -25.79
N4 MES D . 2.84 -18.17 -24.73
N4 MES D . 2.54 -18.79 -24.42
C5 MES D . 3.33 -18.24 -23.32
C5 MES D . 3.42 -18.10 -23.42
C6 MES D . 4.36 -19.32 -23.21
C6 MES D . 4.84 -18.56 -23.56
C7 MES D . 1.76 -17.14 -24.87
C7 MES D . 1.13 -18.29 -24.36
C8 MES D . 0.47 -17.70 -24.30
C8 MES D . 0.97 -16.87 -24.85
S MES D . -0.90 -16.58 -24.44
S MES D . -0.73 -16.42 -25.06
O1S MES D . -1.35 -16.71 -25.80
O1S MES D . -1.42 -17.63 -25.42
O2S MES D . -1.84 -17.05 -23.48
O2S MES D . -1.17 -15.89 -23.80
O3S MES D . -0.40 -15.25 -24.17
O3S MES D . -0.76 -15.44 -26.12
S DMS E . 0.42 -26.72 -5.32
O DMS E . -0.10 -27.43 -4.06
C1 DMS E . 2.02 -26.08 -4.88
C2 DMS E . -0.45 -25.16 -5.34
S DMS F . -13.26 -30.73 0.54
O DMS F . -12.28 -29.69 1.02
C1 DMS F . -12.61 -31.38 -0.99
C2 DMS F . -14.66 -29.86 -0.12
S DMS G . 2.86 -11.51 -6.48
O DMS G . 3.89 -12.06 -5.53
C1 DMS G . 1.85 -10.47 -5.45
C2 DMS G . 1.69 -12.82 -6.68
P PO4 H . -12.03 1.63 3.01
O1 PO4 H . -13.50 1.69 2.38
O2 PO4 H . -11.71 2.97 3.72
O3 PO4 H . -11.85 0.46 4.05
O4 PO4 H . -11.10 1.39 1.86
P PO4 I . 11.38 21.85 15.10
O1 PO4 I . 10.60 22.10 13.81
O2 PO4 I . 10.48 22.09 16.32
O3 PO4 I . 11.89 20.41 15.11
O4 PO4 I . 12.58 22.80 15.15
C1 PEG J . -3.77 -10.39 18.71
O1 PEG J . -2.66 -11.14 18.26
C2 PEG J . -4.51 -11.11 19.78
O2 PEG J . -4.41 -12.50 19.54
C3 PEG J . -4.88 -13.30 20.63
C4 PEG J . -6.36 -13.51 20.49
O4 PEG J . -6.72 -14.89 20.51
C4 A1B0O K . -21.23 -26.71 -8.88
C5 A1B0O K . -21.48 -27.07 -10.20
C6 A1B0O K . -20.54 -27.81 -10.91
C7 A1B0O K . -19.34 -28.18 -10.31
C8 A1B0O K . -19.05 -27.83 -9.01
C10 A1B0O K . -20.01 -27.10 -8.33
N A1B0O K . -23.79 -23.42 -7.52
C A1B0O K . -24.27 -22.46 -6.52
O A1B0O K . -22.06 -26.00 -8.05
C1 A1B0O K . -23.04 -22.96 -8.68
C11 A1B0O K . -24.03 -24.73 -7.46
C2 A1B0O K . -22.94 -24.22 -9.53
C3 A1B0O K . -23.25 -25.39 -8.59
C9 A1B0O K . -17.73 -28.25 -8.39
F A1B0O K . -19.71 -26.74 -7.07
O1 A1B0O K . -24.73 -25.29 -6.63
CL CL L . -23.29 -24.29 1.94
#